data_8VDH
#
_entry.id   8VDH
#
_cell.length_a   43.049
_cell.length_b   61.062
_cell.length_c   44.178
_cell.angle_alpha   90.000
_cell.angle_beta   116.306
_cell.angle_gamma   90.000
#
_symmetry.space_group_name_H-M   'P 1 21 1'
#
loop_
_entity.id
_entity.type
_entity.pdbx_description
1 polymer "DNA (5'-D(*AP*AP*TP*AP*GP*AP*AP*GP*GP*AP*AP*GP*TP*GP*GP*G)-3')"
2 polymer "DNA (5'-D(*TP*CP*CP*CP*AP*CP*TP*TP*CP*CP*TP*TP*CP*TP*AP*T)-3')"
3 polymer 'Transcription factor PU.1'
4 non-polymer "4,4'-[pyridine-2,6-diylbis(methyleneoxy)]di(benzene-1-carboximidamide)"
5 water water
#
loop_
_entity_poly.entity_id
_entity_poly.type
_entity_poly.pdbx_seq_one_letter_code
_entity_poly.pdbx_strand_id
1 'polydeoxyribonucleotide' (DA)(DA)(DT)(DA)(DG)(DA)(DA)(DG)(DG)(DA)(DA)(DG)(DT)(DG)(DG)(DG) C
2 'polydeoxyribonucleotide' (DT)(DC)(DC)(DC)(DA)(DC)(DT)(DT)(DC)(DC)(DT)(DT)(DC)(DT)(DA)(DT) D
3 'polypeptide(L)'
;GSKKKIRLYQFLLDLLRSGDMKDSIWWVDKDKGTFQFSSKHKEALAHRWGIQKGNRKKMTYQKMARALRNYGKTGEVKKV
KKKLTYQFSGEVLGRGGLAERRHPPH
;
F
#
loop_
_chem_comp.id
_chem_comp.type
_chem_comp.name
_chem_comp.formula
A1AAQ non-polymer 4,4'-[pyridine-2,6-diylbis(methyleneoxy)]di(benzene-1-carboximidamide) 'C21 H21 N5 O2'
DA DNA linking 2'-DEOXYADENOSINE-5'-MONOPHOSPHATE 'C10 H14 N5 O6 P'
DC DNA linking 2'-DEOXYCYTIDINE-5'-MONOPHOSPHATE 'C9 H14 N3 O7 P'
DG DNA linking 2'-DEOXYGUANOSINE-5'-MONOPHOSPHATE 'C10 H14 N5 O7 P'
DT DNA linking THYMIDINE-5'-MONOPHOSPHATE 'C10 H15 N2 O8 P'
#
# COMPACT_ATOMS: atom_id res chain seq x y z
N LYS C 5 0.19 10.54 13.29
CA LYS C 5 -0.44 10.10 12.05
C LYS C 5 0.21 8.83 11.52
N ILE C 6 -0.65 7.96 11.01
CA ILE C 6 -0.22 6.64 10.57
C ILE C 6 0.72 6.75 9.37
N ARG C 7 1.69 5.83 9.28
CA ARG C 7 2.58 5.77 8.13
C ARG C 7 1.94 4.95 7.01
N LEU C 8 2.31 5.29 5.76
CA LEU C 8 1.66 4.67 4.61
C LEU C 8 1.76 3.16 4.65
N TYR C 9 2.96 2.63 4.91
CA TYR C 9 3.08 1.17 4.90
C TYR C 9 2.17 0.52 5.94
N GLN C 10 1.96 1.18 7.07
CA GLN C 10 1.07 0.63 8.10
C GLN C 10 -0.40 0.70 7.67
N PHE C 11 -0.79 1.81 7.02
CA PHE C 11 -2.14 1.95 6.45
C PHE C 11 -2.45 0.80 5.50
N LEU C 12 -1.50 0.47 4.62
CA LEU C 12 -1.70 -0.62 3.68
C LEU C 12 -1.76 -1.98 4.39
N LEU C 13 -0.85 -2.21 5.34
CA LEU C 13 -0.87 -3.48 6.08
C LEU C 13 -2.18 -3.64 6.83
N ASP C 14 -2.67 -2.55 7.43
CA ASP C 14 -3.92 -2.61 8.19
C ASP C 14 -5.10 -2.91 7.28
N LEU C 15 -5.10 -2.34 6.07
CA LEU C 15 -6.16 -2.68 5.12
C LEU C 15 -6.12 -4.16 4.78
N LEU C 16 -4.93 -4.69 4.55
CA LEU C 16 -4.82 -6.09 4.17
C LEU C 16 -5.31 -6.99 5.30
N ARG C 17 -5.03 -6.62 6.56
CA ARG C 17 -5.49 -7.42 7.69
C ARG C 17 -7.01 -7.37 7.84
N SER C 18 -7.59 -6.16 7.78
CA SER C 18 -9.02 -6.02 8.04
C SER C 18 -9.87 -6.53 6.88
N GLY C 19 -9.36 -6.45 5.65
CA GLY C 19 -10.12 -6.82 4.48
C GLY C 19 -11.15 -5.79 4.02
N ASP C 20 -11.04 -4.55 4.47
CA ASP C 20 -12.10 -3.58 4.18
C ASP C 20 -12.09 -3.08 2.74
N MET C 21 -11.01 -3.27 1.98
CA MET C 21 -10.99 -2.90 0.56
C MET C 21 -10.42 -4.05 -0.29
N LYS C 22 -11.03 -5.24 -0.18
CA LYS C 22 -10.50 -6.41 -0.87
C LYS C 22 -10.57 -6.31 -2.38
N ASP C 23 -11.43 -5.46 -2.92
CA ASP C 23 -11.50 -5.23 -4.35
C ASP C 23 -10.40 -4.30 -4.87
N SER C 24 -9.68 -3.60 -3.98
CA SER C 24 -8.62 -2.68 -4.36
C SER C 24 -7.21 -3.17 -4.06
N ILE C 25 -7.04 -4.03 -3.05
CA ILE C 25 -5.73 -4.56 -2.68
C ILE C 25 -5.89 -5.98 -2.14
N TRP C 26 -4.87 -6.82 -2.36
CA TRP C 26 -4.92 -8.20 -1.87
C TRP C 26 -3.52 -8.77 -1.71
N TRP C 27 -3.41 -9.79 -0.85
CA TRP C 27 -2.18 -10.57 -0.78
C TRP C 27 -2.00 -11.41 -2.04
N VAL C 28 -0.75 -11.52 -2.47
CA VAL C 28 -0.34 -12.49 -3.49
C VAL C 28 0.23 -13.72 -2.80
N ASP C 29 1.27 -13.52 -1.97
CA ASP C 29 1.80 -14.57 -1.09
C ASP C 29 1.97 -13.93 0.28
N LYS C 30 0.99 -14.14 1.16
CA LYS C 30 1.02 -13.44 2.43
C LYS C 30 2.19 -13.88 3.29
N ASP C 31 2.61 -15.15 3.20
CA ASP C 31 3.78 -15.60 3.96
C ASP C 31 5.03 -14.81 3.57
N LYS C 32 5.14 -14.43 2.28
CA LYS C 32 6.28 -13.64 1.80
C LYS C 32 6.05 -12.15 1.94
N GLY C 33 4.83 -11.74 2.25
CA GLY C 33 4.51 -10.31 2.32
C GLY C 33 4.31 -9.62 1.00
N THR C 34 4.02 -10.36 -0.08
CA THR C 34 3.80 -9.73 -1.38
C THR C 34 2.32 -9.42 -1.55
N PHE C 35 2.03 -8.24 -2.10
CA PHE C 35 0.66 -7.81 -2.29
C PHE C 35 0.55 -7.00 -3.58
N GLN C 36 -0.67 -6.87 -4.06
CA GLN C 36 -0.94 -6.27 -5.35
C GLN C 36 -2.16 -5.38 -5.30
N PHE C 37 -2.11 -4.25 -6.01
CA PHE C 37 -3.25 -3.37 -6.21
C PHE C 37 -4.08 -3.76 -7.43
N SER C 38 -5.38 -3.49 -7.33
CA SER C 38 -6.29 -3.57 -8.45
C SER C 38 -6.01 -2.48 -9.47
N SER C 39 -5.88 -2.86 -10.75
CA SER C 39 -5.75 -1.84 -11.78
C SER C 39 -6.96 -0.89 -11.80
N LYS C 40 -8.16 -1.44 -11.70
CA LYS C 40 -9.35 -0.60 -11.86
C LYS C 40 -9.83 0.05 -10.57
N HIS C 41 -9.48 -0.48 -9.39
CA HIS C 41 -10.04 0.04 -8.15
C HIS C 41 -8.98 0.59 -7.22
N LYS C 42 -7.74 0.79 -7.69
CA LYS C 42 -6.71 1.36 -6.82
C LYS C 42 -6.99 2.81 -6.46
N GLU C 43 -7.63 3.58 -7.34
CA GLU C 43 -7.79 5.01 -7.02
C GLU C 43 -8.66 5.21 -5.79
N ALA C 44 -9.68 4.37 -5.58
CA ALA C 44 -10.52 4.58 -4.40
C ALA C 44 -9.71 4.37 -3.12
N LEU C 45 -8.76 3.45 -3.17
CA LEU C 45 -7.86 3.24 -2.03
C LEU C 45 -6.92 4.44 -1.85
N ALA C 46 -6.35 4.95 -2.94
CA ALA C 46 -5.53 6.15 -2.82
C ALA C 46 -6.34 7.31 -2.23
N HIS C 47 -7.59 7.47 -2.67
CA HIS C 47 -8.41 8.56 -2.13
C HIS C 47 -8.55 8.43 -0.62
N ARG C 48 -8.75 7.20 -0.14
CA ARG C 48 -8.92 6.97 1.30
CA ARG C 48 -8.92 6.98 1.30
C ARG C 48 -7.66 7.33 2.08
N TRP C 49 -6.48 7.02 1.52
CA TRP C 49 -5.22 7.42 2.13
C TRP C 49 -5.15 8.93 2.31
N GLY C 50 -5.45 9.70 1.24
CA GLY C 50 -5.37 11.15 1.34
C GLY C 50 -6.32 11.73 2.37
N ILE C 51 -7.55 11.21 2.41
CA ILE C 51 -8.52 11.73 3.36
C ILE C 51 -8.11 11.38 4.79
N GLN C 52 -7.51 10.20 5.00
CA GLN C 52 -7.06 9.81 6.33
C GLN C 52 -5.92 10.71 6.81
N LYS C 53 -5.05 11.15 5.90
CA LYS C 53 -3.97 12.07 6.23
C LYS C 53 -4.41 13.52 6.35
N GLY C 54 -5.60 13.86 5.89
CA GLY C 54 -6.00 15.26 5.85
C GLY C 54 -5.22 16.13 4.89
N ASN C 55 -4.68 15.56 3.81
CA ASN C 55 -3.91 16.35 2.86
C ASN C 55 -4.78 17.40 2.16
N ARG C 56 -4.12 18.44 1.65
CA ARG C 56 -4.84 19.53 0.99
C ARG C 56 -5.48 19.08 -0.33
N LYS C 57 -4.75 18.35 -1.16
CA LYS C 57 -5.28 17.93 -2.45
C LYS C 57 -5.74 16.48 -2.42
N LYS C 58 -6.55 16.14 -3.42
CA LYS C 58 -7.00 14.77 -3.58
C LYS C 58 -5.80 13.87 -3.84
N MET C 59 -5.74 12.76 -3.11
CA MET C 59 -4.65 11.82 -3.31
C MET C 59 -4.92 10.98 -4.55
N THR C 60 -3.86 10.66 -5.30
CA THR C 60 -3.93 9.78 -6.46
C THR C 60 -3.03 8.57 -6.23
N TYR C 61 -3.30 7.49 -6.97
CA TYR C 61 -2.43 6.33 -6.90
C TYR C 61 -1.01 6.68 -7.29
N GLN C 62 -0.84 7.53 -8.31
CA GLN C 62 0.51 7.90 -8.74
C GLN C 62 1.28 8.56 -7.59
N LYS C 63 0.65 9.48 -6.88
CA LYS C 63 1.32 10.12 -5.75
C LYS C 63 1.57 9.15 -4.62
N MET C 64 0.62 8.22 -4.38
CA MET C 64 0.82 7.23 -3.32
C MET C 64 1.99 6.31 -3.68
N ALA C 65 2.09 5.93 -4.95
CA ALA C 65 3.21 5.11 -5.38
C ALA C 65 4.54 5.86 -5.39
N ARG C 66 4.51 7.19 -5.58
CA ARG C 66 5.74 7.97 -5.42
C ARG C 66 6.26 7.89 -3.98
N ALA C 67 5.36 7.96 -3.01
CA ALA C 67 5.74 7.74 -1.62
C ALA C 67 6.23 6.31 -1.38
N LEU C 68 5.59 5.32 -1.98
CA LEU C 68 6.01 3.94 -1.77
C LEU C 68 7.45 3.73 -2.24
N ARG C 69 7.82 4.34 -3.36
CA ARG C 69 9.16 4.15 -3.89
C ARG C 69 10.23 4.63 -2.93
N ASN C 70 9.93 5.59 -2.07
CA ASN C 70 10.91 6.05 -1.08
C ASN C 70 11.27 5.01 -0.02
N TYR C 71 10.43 3.99 0.17
CA TYR C 71 10.76 2.91 1.09
C TYR C 71 11.79 1.95 0.51
N GLY C 72 12.11 2.05 -0.77
CA GLY C 72 13.01 1.08 -1.39
C GLY C 72 14.36 1.01 -0.70
N LYS C 73 14.90 2.17 -0.31
CA LYS C 73 16.23 2.20 0.29
C LYS C 73 16.21 1.68 1.71
N THR C 74 15.30 2.21 2.53
CA THR C 74 15.17 1.77 3.91
C THR C 74 14.55 0.39 4.04
N GLY C 75 13.78 -0.05 3.04
CA GLY C 75 13.39 -1.45 2.90
C GLY C 75 12.02 -1.84 3.41
N GLU C 76 11.22 -0.90 3.92
CA GLU C 76 9.91 -1.27 4.46
C GLU C 76 9.04 -1.89 3.40
N VAL C 77 9.13 -1.38 2.18
CA VAL C 77 8.36 -1.86 1.04
C VAL C 77 9.25 -1.82 -0.20
N LYS C 78 9.29 -2.92 -0.93
CA LYS C 78 10.04 -2.99 -2.17
C LYS C 78 9.11 -3.34 -3.34
N LYS C 79 9.47 -2.82 -4.51
CA LYS C 79 8.71 -3.08 -5.72
C LYS C 79 9.07 -4.44 -6.27
N VAL C 80 8.06 -5.22 -6.59
CA VAL C 80 8.19 -6.53 -7.21
C VAL C 80 8.02 -6.37 -8.71
N LYS C 81 8.76 -7.16 -9.49
CA LYS C 81 8.72 -7.03 -10.95
C LYS C 81 7.46 -7.69 -11.52
N LYS C 82 6.30 -7.31 -10.98
CA LYS C 82 5.01 -7.79 -11.43
C LYS C 82 4.05 -6.61 -11.35
N LYS C 83 3.07 -6.60 -12.23
CA LYS C 83 2.24 -5.42 -12.39
C LYS C 83 1.59 -5.06 -11.04
N LEU C 84 1.83 -3.84 -10.56
CA LEU C 84 1.14 -3.29 -9.40
C LEU C 84 1.44 -4.08 -8.11
N THR C 85 2.60 -4.73 -8.04
CA THR C 85 2.95 -5.63 -6.95
C THR C 85 4.16 -5.12 -6.18
N TYR C 86 4.09 -5.28 -4.86
CA TYR C 86 5.06 -4.80 -3.88
C TYR C 86 5.26 -5.86 -2.81
N GLN C 87 6.24 -5.65 -1.95
CA GLN C 87 6.55 -6.61 -0.89
C GLN C 87 6.95 -5.88 0.38
N PHE C 88 6.29 -6.20 1.49
CA PHE C 88 6.69 -5.75 2.82
C PHE C 88 7.94 -6.49 3.31
N SER C 89 8.74 -5.80 4.11
CA SER C 89 9.88 -6.45 4.78
C SER C 89 9.41 -7.32 5.95
N GLY C 90 10.28 -8.28 6.29
CA GLY C 90 9.98 -9.13 7.44
C GLY C 90 9.81 -8.34 8.73
N GLU C 91 10.59 -7.27 8.90
CA GLU C 91 10.43 -6.44 10.10
C GLU C 91 9.05 -5.80 10.13
N VAL C 92 8.60 -5.25 9.00
CA VAL C 92 7.26 -4.66 8.94
C VAL C 92 6.19 -5.72 9.24
N LEU C 93 6.37 -6.93 8.71
CA LEU C 93 5.36 -7.97 8.92
C LEU C 93 5.32 -8.40 10.39
N GLY C 94 6.47 -8.47 11.06
CA GLY C 94 6.50 -8.93 12.43
C GLY C 94 5.73 -8.02 13.37
N ARG C 95 5.71 -6.73 13.09
CA ARG C 95 4.99 -5.76 13.91
C ARG C 95 3.52 -5.70 13.50
C5 A1AAQ D . 11.88 4.25 -16.09
C4 A1AAQ D . 13.22 4.34 -15.75
N3 A1AAQ D . -0.15 -2.46 -18.80
C2 A1AAQ D . 13.07 6.74 -15.73
N1 A1AAQ D . 14.69 8.46 -16.32
C6 A1AAQ D . 9.89 2.90 -16.21
C1 A1AAQ D . 13.71 8.07 -15.54
C10 A1AAQ D . 8.61 -1.12 -16.23
C11 A1AAQ D . 7.84 -0.07 -16.70
C12 A1AAQ D . 6.47 -0.25 -17.29
C13 A1AAQ D . 4.65 -1.84 -17.28
C14 A1AAQ D . 4.17 -3.06 -16.83
C15 A1AAQ D . 2.94 -3.53 -17.26
C16 A1AAQ D . 2.15 -2.78 -18.13
C17 A1AAQ D . 0.83 -3.29 -18.57
C18 A1AAQ D . 2.64 -1.56 -18.58
C19 A1AAQ D . 3.87 -1.08 -18.16
C20 A1AAQ D . 11.13 5.41 -16.27
C21 A1AAQ D . 11.74 6.65 -16.10
C3 A1AAQ D . 13.81 5.58 -15.57
C7 A1AAQ D . 9.50 1.45 -16.20
C8 A1AAQ D . 10.32 0.46 -15.70
C9 A1AAQ D . 9.86 -0.85 -15.72
N2 A1AAQ D . 13.31 8.84 -14.56
N4 A1AAQ D . 0.65 -4.57 -18.77
N5 A1AAQ D . 8.28 1.20 -16.68
O1 A1AAQ D . 11.32 3.01 -16.25
O2 A1AAQ D . 5.87 -1.46 -16.81
H6 A1AAQ D . 13.72 3.55 -15.62
H16 A1AAQ D . -0.04 -1.59 -18.68
H17 A1AAQ D . -0.94 -2.77 -19.10
H2 A1AAQ D . 15.09 9.24 -16.18
H1 A1AAQ D . 14.96 7.93 -16.99
H7 A1AAQ D . 9.51 3.35 -17.01
H8 A1AAQ D . 9.55 3.35 -15.41
H11 A1AAQ D . 8.28 -2.00 -16.25
H12 A1AAQ D . 6.53 -0.29 -18.28
H13 A1AAQ D . 5.90 0.51 -17.06
H14 A1AAQ D . 4.68 -3.58 -16.24
H15 A1AAQ D . 2.64 -4.36 -16.96
H20 A1AAQ D . 2.13 -1.05 -19.17
H21 A1AAQ D . 4.19 -0.26 -18.47
H22 A1AAQ D . 10.22 5.36 -16.51
H23 A1AAQ D . 11.23 7.43 -16.23
H5 A1AAQ D . 14.71 5.63 -15.34
H9 A1AAQ D . 11.17 0.67 -15.34
H10 A1AAQ D . 10.40 -1.55 -15.40
H4 A1AAQ D . 12.65 8.58 -14.04
H18 A1AAQ D . 1.30 -5.14 -18.62
H19 A1AAQ D . -0.12 -4.87 -19.06
#